data_4Q9S
#
_entry.id   4Q9S
#
_cell.length_a   45.840
_cell.length_b   47.200
_cell.length_c   63.160
_cell.angle_alpha   90.00
_cell.angle_beta   99.32
_cell.angle_gamma   90.00
#
_symmetry.space_group_name_H-M   'P 1 21 1'
#
loop_
_entity.id
_entity.type
_entity.pdbx_description
1 polymer 'Focal adhesion kinase 1'
2 non-polymer 3,5-dihydro[1,2,4]triazino[3,4-c][1,4]benzoxazin-2(1H)-one
3 water water
#
_entity_poly.entity_id   1
_entity_poly.type   'polypeptide(L)'
_entity_poly.pdbx_seq_one_letter_code
;GAMGSSTRDYEIQRERIELGRCIGEGQFGDVHQGIYMSPENPALAVAIKTCKNCTSDSVREKFLQEALTMRQFDHPHIVK
LIGVITENPVWIIMELCTLGELRSFLQVRKYSLDLASLILYAYQLSTALAYLESKRFVHRDIAARNVLVSSNDCVKLGDF
GLSRYMEDSTYYKASKGKLPIKWMAPESINFRRFTSASDVWMFGVCMWEILMHGVKPFQGVKNNDVIGRIENGERLPMPP
NCPPTLYSLMTKCWAYDPSRRPRFTELKAQLSTILEEEKAQ
;
_entity_poly.pdbx_strand_id   A
#
loop_
_chem_comp.id
_chem_comp.type
_chem_comp.name
_chem_comp.formula
30G non-polymer 3,5-dihydro[1,2,4]triazino[3,4-c][1,4]benzoxazin-2(1H)-one 'C10 H9 N3 O2'
#
# COMPACT_ATOMS: atom_id res chain seq x y z
N ASP A 9 -11.29 2.86 -24.73
CA ASP A 9 -10.02 3.42 -25.18
C ASP A 9 -9.37 4.26 -24.09
N TYR A 10 -8.20 3.80 -23.61
CA TYR A 10 -7.45 4.46 -22.54
C TYR A 10 -6.42 5.50 -23.02
N GLU A 11 -6.25 5.69 -24.34
CA GLU A 11 -5.30 6.66 -24.89
C GLU A 11 -5.80 8.09 -24.68
N ILE A 12 -4.96 8.92 -24.04
CA ILE A 12 -5.26 10.33 -23.76
C ILE A 12 -4.44 11.25 -24.65
N GLN A 13 -5.11 12.26 -25.22
CA GLN A 13 -4.49 13.27 -26.07
C GLN A 13 -3.68 14.18 -25.14
N ARG A 14 -2.37 14.32 -25.39
CA ARG A 14 -1.47 15.11 -24.55
C ARG A 14 -1.92 16.54 -24.24
N GLU A 15 -2.60 17.19 -25.19
CA GLU A 15 -3.10 18.56 -25.06
C GLU A 15 -4.18 18.68 -23.97
N ARG A 16 -4.71 17.54 -23.51
CA ARG A 16 -5.70 17.47 -22.43
C ARG A 16 -5.05 17.44 -21.05
N ILE A 17 -3.71 17.38 -20.99
CA ILE A 17 -2.92 17.29 -19.77
C ILE A 17 -2.01 18.48 -19.55
N GLU A 18 -2.16 19.12 -18.40
CA GLU A 18 -1.26 20.22 -18.00
C GLU A 18 -0.35 19.63 -16.91
N LEU A 19 0.94 19.45 -17.22
CA LEU A 19 1.92 18.89 -16.30
C LEU A 19 2.25 19.93 -15.20
N GLY A 20 2.06 19.53 -13.95
CA GLY A 20 2.33 20.38 -12.80
C GLY A 20 3.64 19.99 -12.13
N ARG A 21 3.77 20.32 -10.83
CA ARG A 21 4.98 20.03 -10.04
C ARG A 21 5.21 18.55 -9.77
N CYS A 22 6.48 18.18 -9.58
CA CYS A 22 6.91 16.85 -9.23
C CYS A 22 6.40 16.57 -7.80
N ILE A 23 5.87 15.36 -7.54
CA ILE A 23 5.33 15.04 -6.22
C ILE A 23 5.97 13.84 -5.58
N GLY A 24 6.78 13.13 -6.34
CA GLY A 24 7.43 11.93 -5.83
C GLY A 24 8.17 11.17 -6.90
N GLU A 25 8.67 9.99 -6.53
CA GLU A 25 9.47 9.14 -7.38
C GLU A 25 8.86 7.75 -7.50
N GLY A 26 9.05 7.15 -8.66
CA GLY A 26 8.63 5.79 -8.98
C GLY A 26 9.81 5.07 -9.57
N GLN A 27 9.68 3.76 -9.83
CA GLN A 27 10.74 2.93 -10.41
C GLN A 27 11.23 3.47 -11.77
N PHE A 28 10.30 3.95 -12.62
CA PHE A 28 10.59 4.43 -13.98
C PHE A 28 10.93 5.90 -14.15
N GLY A 29 10.54 6.72 -13.19
CA GLY A 29 10.78 8.16 -13.25
C GLY A 29 9.98 8.96 -12.26
N ASP A 30 10.03 10.28 -12.40
CA ASP A 30 9.31 11.19 -11.53
C ASP A 30 7.81 11.06 -11.71
N VAL A 31 7.09 11.30 -10.60
CA VAL A 31 5.64 11.35 -10.58
C VAL A 31 5.32 12.84 -10.39
N HIS A 32 4.42 13.35 -11.22
CA HIS A 32 4.01 14.75 -11.14
C HIS A 32 2.53 14.80 -10.88
N GLN A 33 2.04 15.92 -10.32
CA GLN A 33 0.60 16.14 -10.24
C GLN A 33 0.29 16.95 -11.50
N GLY A 34 -0.96 16.98 -11.90
CA GLY A 34 -1.33 17.76 -13.07
C GLY A 34 -2.82 17.87 -13.21
N ILE A 35 -3.24 18.46 -14.32
CA ILE A 35 -4.66 18.66 -14.61
C ILE A 35 -5.05 17.96 -15.91
N TYR A 36 -6.18 17.25 -15.86
CA TYR A 36 -6.77 16.55 -16.98
C TYR A 36 -8.07 17.27 -17.34
N MET A 37 -8.09 17.83 -18.56
CA MET A 37 -9.23 18.54 -19.12
C MET A 37 -9.97 17.57 -20.04
N SER A 38 -11.09 17.02 -19.57
CA SER A 38 -11.90 16.09 -20.36
C SER A 38 -13.31 16.67 -20.60
N PRO A 39 -14.08 16.19 -21.63
CA PRO A 39 -15.44 16.73 -21.83
C PRO A 39 -16.43 16.18 -20.80
N PRO A 42 -13.04 18.25 -16.81
CA PRO A 42 -13.00 19.71 -17.08
C PRO A 42 -11.71 20.33 -16.56
N ALA A 43 -11.36 19.97 -15.31
CA ALA A 43 -10.17 20.39 -14.57
C ALA A 43 -9.95 19.38 -13.42
N LEU A 44 -9.78 18.08 -13.78
CA LEU A 44 -9.55 17.01 -12.83
C LEU A 44 -8.06 16.93 -12.44
N ALA A 45 -7.78 16.95 -11.12
CA ALA A 45 -6.44 16.83 -10.56
C ALA A 45 -6.01 15.37 -10.73
N VAL A 46 -4.85 15.14 -11.36
CA VAL A 46 -4.34 13.78 -11.68
C VAL A 46 -2.90 13.63 -11.26
N ALA A 47 -2.40 12.38 -11.18
CA ALA A 47 -0.99 12.08 -10.96
C ALA A 47 -0.51 11.61 -12.33
N ILE A 48 0.69 12.03 -12.72
CA ILE A 48 1.28 11.69 -14.01
C ILE A 48 2.59 11.00 -13.75
N LYS A 49 2.66 9.72 -14.10
CA LYS A 49 3.89 8.93 -13.93
C LYS A 49 4.70 9.03 -15.23
N THR A 50 5.95 9.46 -15.12
CA THR A 50 6.83 9.64 -16.26
C THR A 50 7.82 8.47 -16.34
N CYS A 51 8.44 8.29 -17.50
CA CYS A 51 9.36 7.19 -17.73
C CYS A 51 10.62 7.74 -18.37
N LYS A 52 11.73 7.71 -17.60
CA LYS A 52 13.02 8.24 -18.09
C LYS A 52 13.52 7.54 -19.36
N ASN A 53 13.43 6.20 -19.40
CA ASN A 53 13.99 5.40 -20.50
C ASN A 53 12.97 4.76 -21.46
N CYS A 54 11.75 5.32 -21.52
CA CYS A 54 10.70 4.77 -22.40
C CYS A 54 10.85 4.92 -23.92
N THR A 55 11.92 5.59 -24.35
CA THR A 55 12.27 5.71 -25.78
C THR A 55 12.77 4.32 -26.28
N SER A 56 13.12 3.43 -25.33
CA SER A 56 13.51 2.02 -25.51
C SER A 56 12.24 1.21 -25.27
N ASP A 57 11.85 0.37 -26.25
CA ASP A 57 10.63 -0.43 -26.18
C ASP A 57 10.60 -1.47 -25.06
N SER A 58 11.77 -2.02 -24.68
CA SER A 58 11.85 -3.01 -23.60
C SER A 58 11.35 -2.39 -22.27
N VAL A 59 11.72 -1.11 -22.03
CA VAL A 59 11.32 -0.34 -20.84
C VAL A 59 9.83 0.10 -21.01
N ARG A 60 9.47 0.62 -22.20
CA ARG A 60 8.13 1.07 -22.52
C ARG A 60 7.08 -0.01 -22.24
N GLU A 61 7.33 -1.25 -22.70
CA GLU A 61 6.45 -2.40 -22.52
C GLU A 61 6.26 -2.70 -21.04
N LYS A 62 7.35 -2.63 -20.24
CA LYS A 62 7.32 -2.90 -18.80
C LYS A 62 6.55 -1.81 -18.05
N PHE A 63 6.77 -0.54 -18.43
CA PHE A 63 6.09 0.62 -17.87
C PHE A 63 4.60 0.54 -18.14
N LEU A 64 4.20 0.41 -19.42
CA LEU A 64 2.81 0.30 -19.81
C LEU A 64 2.09 -0.97 -19.29
N GLN A 65 2.83 -2.04 -18.94
CA GLN A 65 2.24 -3.27 -18.36
C GLN A 65 1.58 -2.97 -17.01
N GLU A 66 2.20 -2.05 -16.22
CA GLU A 66 1.67 -1.61 -14.92
C GLU A 66 0.26 -1.02 -15.08
N ALA A 67 0.06 -0.16 -16.11
CA ALA A 67 -1.22 0.46 -16.44
C ALA A 67 -2.26 -0.60 -16.77
N LEU A 68 -1.87 -1.62 -17.57
CA LEU A 68 -2.73 -2.73 -17.98
C LEU A 68 -3.15 -3.56 -16.77
N THR A 69 -2.26 -3.71 -15.77
CA THR A 69 -2.53 -4.43 -14.53
C THR A 69 -3.63 -3.69 -13.74
N MET A 70 -3.53 -2.35 -13.66
CA MET A 70 -4.46 -1.45 -12.96
C MET A 70 -5.88 -1.48 -13.50
N ARG A 71 -6.02 -1.71 -14.81
CA ARG A 71 -7.32 -1.82 -15.51
C ARG A 71 -8.21 -2.92 -14.92
N GLN A 72 -7.60 -4.02 -14.44
CA GLN A 72 -8.29 -5.18 -13.86
C GLN A 72 -9.00 -4.91 -12.52
N PHE A 73 -8.57 -3.87 -11.78
CA PHE A 73 -9.15 -3.59 -10.46
C PHE A 73 -10.13 -2.44 -10.43
N ASP A 74 -11.19 -2.61 -9.63
CA ASP A 74 -12.21 -1.57 -9.44
C ASP A 74 -12.63 -1.62 -7.97
N HIS A 75 -11.88 -0.89 -7.11
CA HIS A 75 -12.17 -0.84 -5.67
C HIS A 75 -11.95 0.58 -5.16
N PRO A 76 -12.79 1.06 -4.22
CA PRO A 76 -12.60 2.43 -3.69
C PRO A 76 -11.25 2.67 -3.01
N HIS A 77 -10.59 1.58 -2.54
CA HIS A 77 -9.32 1.69 -1.83
C HIS A 77 -8.10 1.25 -2.61
N ILE A 78 -8.21 1.27 -3.94
CA ILE A 78 -7.12 1.00 -4.89
C ILE A 78 -7.12 2.15 -5.90
N VAL A 79 -5.97 2.82 -6.07
CA VAL A 79 -5.79 3.89 -7.05
C VAL A 79 -6.21 3.45 -8.46
N LYS A 80 -6.99 4.30 -9.11
CA LYS A 80 -7.51 4.03 -10.43
C LYS A 80 -6.64 4.61 -11.53
N LEU A 81 -6.56 3.88 -12.64
CA LEU A 81 -5.89 4.32 -13.85
C LEU A 81 -6.89 5.19 -14.60
N ILE A 82 -6.42 6.32 -15.13
CA ILE A 82 -7.28 7.21 -15.92
C ILE A 82 -6.98 6.95 -17.40
N GLY A 83 -5.70 6.86 -17.75
CA GLY A 83 -5.30 6.58 -19.11
C GLY A 83 -3.82 6.61 -19.34
N VAL A 84 -3.43 6.49 -20.61
CA VAL A 84 -2.03 6.44 -21.03
C VAL A 84 -1.79 7.35 -22.22
N ILE A 85 -0.51 7.72 -22.41
CA ILE A 85 -0.03 8.48 -23.56
C ILE A 85 1.15 7.61 -24.03
N THR A 86 0.92 6.81 -25.08
CA THR A 86 1.90 5.82 -25.56
C THR A 86 3.07 6.30 -26.41
N GLU A 87 3.06 7.56 -26.87
CA GLU A 87 4.20 8.09 -27.63
C GLU A 87 5.12 8.91 -26.73
N ASN A 88 6.42 9.01 -27.07
CA ASN A 88 7.43 9.75 -26.27
C ASN A 88 7.12 11.24 -26.04
N PRO A 89 7.24 11.76 -24.79
CA PRO A 89 7.52 11.03 -23.54
C PRO A 89 6.29 10.24 -23.07
N VAL A 90 6.48 8.94 -22.78
CA VAL A 90 5.40 8.03 -22.39
C VAL A 90 4.95 8.38 -20.98
N TRP A 91 3.64 8.62 -20.79
CA TRP A 91 3.06 8.94 -19.47
C TRP A 91 1.95 7.98 -19.12
N ILE A 92 1.74 7.76 -17.81
CA ILE A 92 0.60 7.01 -17.30
C ILE A 92 -0.18 8.01 -16.42
N ILE A 93 -1.48 8.17 -16.67
CA ILE A 93 -2.35 9.11 -15.94
C ILE A 93 -3.14 8.34 -14.94
N MET A 94 -2.94 8.67 -13.66
CA MET A 94 -3.57 7.97 -12.54
C MET A 94 -4.38 8.94 -11.75
N GLU A 95 -5.32 8.39 -10.96
CA GLU A 95 -6.11 9.14 -9.99
C GLU A 95 -5.10 9.75 -9.00
N LEU A 96 -5.26 11.03 -8.67
CA LEU A 96 -4.34 11.68 -7.73
C LEU A 96 -4.76 11.40 -6.29
N CYS A 97 -3.81 10.95 -5.48
CA CYS A 97 -4.02 10.80 -4.05
C CYS A 97 -3.25 11.99 -3.50
N THR A 98 -3.96 13.12 -3.40
CA THR A 98 -3.40 14.45 -3.06
C THR A 98 -2.46 14.55 -1.87
N LEU A 99 -2.74 13.82 -0.79
CA LEU A 99 -1.91 13.89 0.42
C LEU A 99 -0.60 13.08 0.36
N GLY A 100 -0.40 12.35 -0.73
CA GLY A 100 0.83 11.62 -1.01
C GLY A 100 1.01 10.30 -0.30
N GLU A 101 2.28 9.94 -0.05
CA GLU A 101 2.70 8.68 0.55
C GLU A 101 2.25 8.58 2.00
N LEU A 102 1.75 7.40 2.41
CA LEU A 102 1.28 7.19 3.78
C LEU A 102 2.38 7.33 4.85
N ARG A 103 3.56 6.71 4.66
CA ARG A 103 4.67 6.78 5.62
C ARG A 103 4.99 8.21 6.06
N SER A 104 5.19 9.12 5.09
CA SER A 104 5.48 10.54 5.31
C SER A 104 4.32 11.22 6.00
N PHE A 105 3.09 10.92 5.55
CA PHE A 105 1.89 11.48 6.16
C PHE A 105 1.81 11.15 7.65
N LEU A 106 2.04 9.86 8.00
CA LEU A 106 2.01 9.39 9.39
C LEU A 106 3.08 10.07 10.25
N GLN A 107 4.29 10.23 9.69
CA GLN A 107 5.41 10.85 10.38
C GLN A 107 5.14 12.33 10.66
N VAL A 108 4.71 13.10 9.65
CA VAL A 108 4.41 14.54 9.80
C VAL A 108 3.22 14.76 10.76
N ARG A 109 2.23 13.84 10.74
CA ARG A 109 1.05 13.94 11.60
C ARG A 109 1.09 13.05 12.84
N LYS A 110 2.31 12.68 13.31
CA LYS A 110 2.50 11.80 14.47
C LYS A 110 1.69 12.21 15.71
N TYR A 111 1.64 13.52 15.99
CA TYR A 111 0.99 14.06 17.18
C TYR A 111 -0.37 14.70 16.92
N SER A 112 -0.88 14.59 15.68
CA SER A 112 -2.15 15.20 15.28
C SER A 112 -3.20 14.25 14.69
N LEU A 113 -2.86 12.97 14.47
CA LEU A 113 -3.82 11.97 13.97
C LEU A 113 -4.28 11.16 15.17
N ASP A 114 -5.58 11.11 15.40
CA ASP A 114 -6.09 10.31 16.50
C ASP A 114 -6.05 8.82 16.15
N LEU A 115 -6.21 7.97 17.17
CA LEU A 115 -6.20 6.52 17.09
C LEU A 115 -7.27 6.00 16.14
N ALA A 116 -8.46 6.63 16.12
CA ALA A 116 -9.56 6.21 15.26
C ALA A 116 -9.17 6.32 13.78
N SER A 117 -8.42 7.39 13.42
CA SER A 117 -7.92 7.57 12.05
C SER A 117 -6.90 6.47 11.69
N LEU A 118 -6.03 6.10 12.61
CA LEU A 118 -5.02 5.07 12.33
C LEU A 118 -5.67 3.71 12.07
N ILE A 119 -6.67 3.36 12.90
CA ILE A 119 -7.45 2.13 12.80
C ILE A 119 -8.27 2.14 11.49
N LEU A 120 -8.84 3.30 11.13
CA LEU A 120 -9.58 3.43 9.88
C LEU A 120 -8.68 3.09 8.68
N TYR A 121 -7.41 3.58 8.69
CA TYR A 121 -6.50 3.28 7.56
C TYR A 121 -6.24 1.75 7.49
N ALA A 122 -6.06 1.08 8.65
CA ALA A 122 -5.85 -0.38 8.63
C ALA A 122 -7.10 -1.09 8.11
N TYR A 123 -8.29 -0.65 8.54
CA TYR A 123 -9.56 -1.21 8.09
C TYR A 123 -9.68 -1.09 6.55
N GLN A 124 -9.51 0.14 6.02
CA GLN A 124 -9.63 0.39 4.57
C GLN A 124 -8.69 -0.48 3.74
N LEU A 125 -7.44 -0.60 4.20
CA LEU A 125 -6.45 -1.44 3.52
C LEU A 125 -6.84 -2.92 3.55
N SER A 126 -7.42 -3.41 4.66
CA SER A 126 -7.90 -4.80 4.73
C SER A 126 -9.05 -5.03 3.73
N THR A 127 -9.89 -4.01 3.47
CA THR A 127 -11.00 -4.13 2.49
C THR A 127 -10.44 -4.28 1.08
N ALA A 128 -9.43 -3.45 0.72
CA ALA A 128 -8.74 -3.53 -0.57
C ALA A 128 -8.01 -4.90 -0.75
N LEU A 129 -7.37 -5.40 0.32
CA LEU A 129 -6.67 -6.68 0.30
C LEU A 129 -7.64 -7.88 0.25
N ALA A 130 -8.79 -7.82 0.96
CA ALA A 130 -9.82 -8.87 0.91
C ALA A 130 -10.41 -8.90 -0.50
N TYR A 131 -10.51 -7.71 -1.16
CA TYR A 131 -10.97 -7.59 -2.54
C TYR A 131 -9.97 -8.31 -3.49
N LEU A 132 -8.66 -8.00 -3.35
CA LEU A 132 -7.61 -8.62 -4.16
C LEU A 132 -7.53 -10.13 -3.92
N GLU A 133 -7.76 -10.59 -2.67
CA GLU A 133 -7.80 -12.00 -2.27
C GLU A 133 -9.00 -12.65 -3.05
N SER A 134 -10.19 -11.99 -3.04
CA SER A 134 -11.40 -12.45 -3.76
C SER A 134 -11.20 -12.53 -5.28
N LYS A 135 -10.28 -11.72 -5.84
CA LYS A 135 -9.91 -11.70 -7.26
C LYS A 135 -8.79 -12.75 -7.53
N ARG A 136 -8.32 -13.43 -6.47
CA ARG A 136 -7.24 -14.43 -6.46
C ARG A 136 -5.91 -13.80 -6.85
N PHE A 137 -5.67 -12.57 -6.34
CA PHE A 137 -4.44 -11.80 -6.60
C PHE A 137 -3.59 -11.76 -5.32
N VAL A 138 -2.38 -12.34 -5.38
CA VAL A 138 -1.41 -12.33 -4.28
C VAL A 138 -0.47 -11.11 -4.50
N HIS A 139 -0.47 -10.15 -3.55
CA HIS A 139 0.28 -8.88 -3.64
C HIS A 139 1.82 -9.02 -3.56
N ARG A 140 2.31 -9.73 -2.52
CA ARG A 140 3.74 -10.01 -2.24
C ARG A 140 4.57 -8.86 -1.66
N ASP A 141 4.03 -7.61 -1.64
CA ASP A 141 4.76 -6.44 -1.16
C ASP A 141 3.90 -5.46 -0.33
N ILE A 142 3.16 -6.00 0.68
CA ILE A 142 2.32 -5.20 1.57
C ILE A 142 3.20 -4.49 2.61
N ALA A 143 3.24 -3.16 2.52
CA ALA A 143 4.01 -2.27 3.38
C ALA A 143 3.46 -0.84 3.29
N ALA A 144 3.61 -0.05 4.37
CA ALA A 144 3.16 1.35 4.44
C ALA A 144 3.74 2.25 3.33
N ARG A 145 4.85 1.82 2.69
CA ARG A 145 5.48 2.55 1.57
C ARG A 145 4.64 2.56 0.25
N ASN A 146 3.77 1.55 0.03
CA ASN A 146 2.97 1.42 -1.22
C ASN A 146 1.52 1.86 -1.08
N VAL A 147 1.27 2.62 -0.01
CA VAL A 147 -0.04 3.13 0.35
C VAL A 147 0.02 4.63 0.18
N LEU A 148 -1.02 5.18 -0.42
CA LEU A 148 -1.17 6.61 -0.71
C LEU A 148 -2.37 7.18 0.06
N VAL A 149 -2.35 8.48 0.35
CA VAL A 149 -3.40 9.17 1.12
C VAL A 149 -4.22 10.07 0.21
N SER A 150 -5.52 9.77 0.02
CA SER A 150 -6.43 10.61 -0.79
C SER A 150 -6.89 11.81 0.02
N SER A 151 -7.30 11.55 1.26
CA SER A 151 -7.75 12.54 2.22
C SER A 151 -7.41 12.04 3.61
N ASN A 152 -7.65 12.87 4.66
CA ASN A 152 -7.40 12.55 6.05
C ASN A 152 -8.16 11.31 6.49
N ASP A 153 -9.22 10.94 5.75
CA ASP A 153 -10.04 9.79 6.09
C ASP A 153 -10.12 8.77 4.96
N CYS A 154 -9.17 8.78 4.00
CA CYS A 154 -9.17 7.82 2.90
C CYS A 154 -7.74 7.47 2.44
N VAL A 155 -7.35 6.19 2.57
CA VAL A 155 -6.07 5.67 2.04
C VAL A 155 -6.35 4.68 0.91
N LYS A 156 -5.38 4.49 0.00
CA LYS A 156 -5.55 3.58 -1.14
C LYS A 156 -4.25 2.88 -1.41
N LEU A 157 -4.35 1.62 -1.86
CA LEU A 157 -3.20 0.85 -2.33
C LEU A 157 -2.79 1.49 -3.66
N GLY A 158 -1.50 1.72 -3.81
CA GLY A 158 -0.96 2.31 -5.03
C GLY A 158 -0.18 1.33 -5.86
N ASP A 159 0.64 1.88 -6.79
CA ASP A 159 1.53 1.28 -7.80
C ASP A 159 0.98 1.38 -9.24
N LEU A 179 15.50 -7.71 -1.05
CA LEU A 179 14.20 -8.27 -0.63
C LEU A 179 13.71 -7.56 0.65
N PRO A 180 12.39 -7.37 0.83
CA PRO A 180 11.93 -6.72 2.07
C PRO A 180 11.78 -7.74 3.21
N ILE A 181 12.91 -8.38 3.62
CA ILE A 181 12.98 -9.42 4.66
C ILE A 181 12.20 -9.09 5.96
N LYS A 182 12.28 -7.84 6.38
CA LYS A 182 11.66 -7.33 7.60
C LYS A 182 10.13 -7.33 7.59
N TRP A 183 9.51 -7.45 6.40
CA TRP A 183 8.07 -7.47 6.21
C TRP A 183 7.56 -8.87 5.83
N MET A 184 8.47 -9.78 5.46
CA MET A 184 8.18 -11.12 4.93
C MET A 184 7.85 -12.25 5.87
N ALA A 185 6.89 -13.10 5.44
CA ALA A 185 6.48 -14.29 6.21
C ALA A 185 7.67 -15.26 6.24
N PRO A 186 7.86 -16.06 7.31
CA PRO A 186 9.01 -16.99 7.34
C PRO A 186 9.02 -17.98 6.19
N GLU A 187 7.85 -18.46 5.74
CA GLU A 187 7.81 -19.38 4.59
C GLU A 187 8.23 -18.71 3.26
N SER A 188 8.04 -17.39 3.12
CA SER A 188 8.45 -16.64 1.93
C SER A 188 9.98 -16.46 1.92
N ILE A 189 10.59 -16.24 3.10
CA ILE A 189 12.05 -16.07 3.27
C ILE A 189 12.74 -17.41 3.08
N ASN A 190 12.24 -18.45 3.77
CA ASN A 190 12.86 -19.78 3.71
C ASN A 190 12.69 -20.48 2.40
N PHE A 191 11.49 -20.45 1.83
CA PHE A 191 11.20 -21.29 0.66
C PHE A 191 10.54 -20.59 -0.50
N ARG A 192 10.51 -19.24 -0.50
CA ARG A 192 9.89 -18.43 -1.55
C ARG A 192 8.43 -18.81 -1.75
N ARG A 193 7.74 -19.17 -0.64
CA ARG A 193 6.31 -19.49 -0.70
C ARG A 193 5.55 -18.18 -0.57
N PHE A 194 4.73 -17.83 -1.57
CA PHE A 194 3.89 -16.63 -1.54
C PHE A 194 2.44 -17.00 -1.75
N THR A 195 1.60 -16.72 -0.76
CA THR A 195 0.17 -17.02 -0.81
C THR A 195 -0.56 -15.83 -0.14
N SER A 196 -1.89 -15.89 -0.07
CA SER A 196 -2.64 -14.86 0.64
C SER A 196 -2.27 -14.86 2.14
N ALA A 197 -1.94 -16.03 2.72
CA ALA A 197 -1.51 -16.13 4.13
C ALA A 197 -0.19 -15.39 4.40
N SER A 198 0.73 -15.41 3.44
CA SER A 198 2.01 -14.68 3.56
C SER A 198 1.71 -13.16 3.37
N ASP A 199 0.69 -12.81 2.56
CA ASP A 199 0.24 -11.42 2.41
C ASP A 199 -0.32 -10.95 3.75
N VAL A 200 -1.04 -11.86 4.48
CA VAL A 200 -1.60 -11.54 5.82
C VAL A 200 -0.48 -11.18 6.82
N TRP A 201 0.59 -11.97 6.83
CA TRP A 201 1.74 -11.67 7.67
C TRP A 201 2.25 -10.25 7.39
N MET A 202 2.48 -9.93 6.10
CA MET A 202 2.98 -8.62 5.65
C MET A 202 2.03 -7.50 6.05
N PHE A 203 0.72 -7.74 5.93
CA PHE A 203 -0.28 -6.76 6.37
C PHE A 203 -0.23 -6.51 7.91
N GLY A 204 0.10 -7.54 8.70
CA GLY A 204 0.25 -7.41 10.14
C GLY A 204 1.38 -6.45 10.47
N VAL A 205 2.46 -6.53 9.67
CA VAL A 205 3.62 -5.64 9.80
C VAL A 205 3.18 -4.23 9.36
N CYS A 206 2.45 -4.12 8.23
CA CYS A 206 1.91 -2.83 7.77
C CYS A 206 1.04 -2.17 8.87
N MET A 207 0.18 -2.95 9.57
CA MET A 207 -0.67 -2.42 10.67
C MET A 207 0.22 -1.89 11.80
N TRP A 208 1.30 -2.60 12.12
CA TRP A 208 2.28 -2.19 13.14
C TRP A 208 2.90 -0.86 12.74
N GLU A 209 3.32 -0.71 11.48
CA GLU A 209 3.90 0.54 10.96
C GLU A 209 2.97 1.73 11.11
N ILE A 210 1.67 1.56 10.84
CA ILE A 210 0.68 2.64 10.94
C ILE A 210 0.57 3.04 12.42
N LEU A 211 0.42 2.05 13.31
CA LEU A 211 0.27 2.34 14.73
C LEU A 211 1.55 2.91 15.32
N MET A 212 2.69 2.72 14.61
CA MET A 212 4.00 3.26 15.03
C MET A 212 4.28 4.61 14.36
N HIS A 213 3.26 5.22 13.70
CA HIS A 213 3.37 6.51 13.00
C HIS A 213 4.42 6.49 11.88
N GLY A 214 4.50 5.38 11.14
CA GLY A 214 5.40 5.26 10.01
C GLY A 214 6.85 4.88 10.29
N VAL A 215 7.13 4.31 11.46
CA VAL A 215 8.45 3.79 11.82
C VAL A 215 8.55 2.41 11.16
N LYS A 216 9.69 2.13 10.52
CA LYS A 216 9.96 0.85 9.86
C LYS A 216 10.22 -0.26 10.90
N PRO A 217 9.81 -1.53 10.62
CA PRO A 217 10.07 -2.61 11.57
C PRO A 217 11.56 -2.99 11.69
N PHE A 218 11.96 -3.54 12.84
CA PHE A 218 13.32 -4.07 13.09
C PHE A 218 14.50 -3.14 12.75
N GLN A 219 14.35 -1.86 13.10
CA GLN A 219 15.39 -0.86 12.89
C GLN A 219 16.65 -1.26 13.67
N GLY A 220 17.80 -1.20 13.01
CA GLY A 220 19.08 -1.56 13.61
C GLY A 220 19.36 -3.06 13.67
N VAL A 221 18.42 -3.89 13.16
CA VAL A 221 18.56 -5.36 13.11
C VAL A 221 18.98 -5.72 11.68
N LYS A 222 19.98 -6.59 11.54
CA LYS A 222 20.46 -7.06 10.23
C LYS A 222 19.42 -8.03 9.62
N ASN A 223 19.16 -7.92 8.29
CA ASN A 223 18.20 -8.76 7.57
C ASN A 223 18.36 -10.26 7.84
N ASN A 224 19.61 -10.77 7.80
CA ASN A 224 19.91 -12.19 8.04
C ASN A 224 19.67 -12.68 9.48
N ASP A 225 19.48 -11.75 10.44
CA ASP A 225 19.18 -12.03 11.85
C ASP A 225 17.69 -11.84 12.20
N VAL A 226 16.87 -11.45 11.20
CA VAL A 226 15.43 -11.25 11.37
C VAL A 226 14.74 -12.61 11.47
N ILE A 227 15.06 -13.55 10.55
CA ILE A 227 14.50 -14.90 10.52
C ILE A 227 14.75 -15.64 11.86
N GLY A 228 15.95 -15.49 12.42
CA GLY A 228 16.37 -16.13 13.67
C GLY A 228 15.55 -15.72 14.88
N ARG A 229 15.37 -14.40 15.05
CA ARG A 229 14.54 -13.79 16.09
C ARG A 229 13.07 -14.30 15.98
N ILE A 230 12.51 -14.34 14.77
CA ILE A 230 11.14 -14.83 14.50
C ILE A 230 11.03 -16.35 14.80
N GLU A 231 12.07 -17.10 14.42
CA GLU A 231 12.16 -18.56 14.67
C GLU A 231 12.23 -18.81 16.17
N ASN A 232 12.83 -17.86 16.92
CA ASN A 232 12.95 -17.85 18.38
C ASN A 232 11.62 -17.44 19.05
N GLY A 233 10.59 -17.07 18.28
CA GLY A 233 9.28 -16.72 18.81
C GLY A 233 9.08 -15.24 19.10
N GLU A 234 10.12 -14.45 18.86
CA GLU A 234 10.11 -13.03 19.08
C GLU A 234 9.27 -12.34 17.98
N ARG A 235 8.57 -11.27 18.34
CA ARG A 235 7.72 -10.53 17.40
C ARG A 235 7.85 -9.05 17.67
N LEU A 236 7.32 -8.23 16.73
CA LEU A 236 7.33 -6.79 16.86
C LEU A 236 6.52 -6.43 18.12
N PRO A 237 6.97 -5.48 18.96
CA PRO A 237 6.28 -5.23 20.23
C PRO A 237 5.03 -4.37 20.05
N MET A 238 4.18 -4.34 21.08
CA MET A 238 2.97 -3.54 21.10
C MET A 238 3.30 -2.06 20.95
N PRO A 239 2.84 -1.41 19.88
CA PRO A 239 3.13 0.03 19.74
C PRO A 239 2.55 0.85 20.90
N PRO A 240 3.21 1.94 21.34
CA PRO A 240 2.61 2.78 22.39
C PRO A 240 1.23 3.33 21.98
N ASN A 241 0.25 3.21 22.90
CA ASN A 241 -1.16 3.63 22.74
C ASN A 241 -1.99 2.74 21.79
N CYS A 242 -1.44 1.60 21.35
CA CYS A 242 -2.20 0.67 20.49
C CYS A 242 -3.15 -0.12 21.40
N PRO A 243 -4.48 -0.22 21.11
CA PRO A 243 -5.35 -1.04 21.99
C PRO A 243 -4.91 -2.52 22.03
N PRO A 244 -4.90 -3.18 23.21
CA PRO A 244 -4.47 -4.61 23.26
C PRO A 244 -5.22 -5.51 22.27
N THR A 245 -6.55 -5.27 22.04
CA THR A 245 -7.34 -6.05 21.07
C THR A 245 -6.71 -5.91 19.65
N LEU A 246 -6.26 -4.68 19.29
CA LEU A 246 -5.65 -4.49 17.98
C LEU A 246 -4.26 -5.13 17.90
N TYR A 247 -3.47 -5.06 18.98
CA TYR A 247 -2.16 -5.71 19.00
C TYR A 247 -2.32 -7.22 18.92
N SER A 248 -3.34 -7.75 19.59
CA SER A 248 -3.63 -9.19 19.54
C SER A 248 -3.92 -9.63 18.09
N LEU A 249 -4.66 -8.80 17.33
CA LEU A 249 -4.99 -9.10 15.93
C LEU A 249 -3.72 -9.10 15.09
N MET A 250 -2.78 -8.16 15.33
CA MET A 250 -1.49 -8.16 14.61
C MET A 250 -0.73 -9.46 14.88
N THR A 251 -0.71 -9.95 16.16
CA THR A 251 0.04 -11.17 16.49
C THR A 251 -0.53 -12.41 15.82
N LYS A 252 -1.84 -12.45 15.57
CA LYS A 252 -2.45 -13.60 14.87
C LYS A 252 -1.97 -13.63 13.42
N CYS A 253 -1.72 -12.45 12.82
CA CYS A 253 -1.17 -12.34 11.45
C CYS A 253 0.25 -12.95 11.44
N TRP A 254 0.93 -12.91 12.59
CA TRP A 254 2.29 -13.39 12.75
C TRP A 254 2.41 -14.81 13.33
N ALA A 255 1.37 -15.63 13.16
CA ALA A 255 1.45 -17.04 13.56
C ALA A 255 2.49 -17.68 12.60
N TYR A 256 3.46 -18.45 13.12
CA TYR A 256 4.50 -19.12 12.31
C TYR A 256 3.86 -20.01 11.24
N ASP A 257 2.80 -20.71 11.61
CA ASP A 257 2.03 -21.59 10.72
C ASP A 257 1.09 -20.73 9.86
N PRO A 258 1.26 -20.67 8.51
CA PRO A 258 0.33 -19.87 7.68
C PRO A 258 -1.16 -20.20 7.82
N SER A 259 -1.50 -21.49 8.05
CA SER A 259 -2.90 -21.96 8.18
C SER A 259 -3.57 -21.42 9.45
N ARG A 260 -2.79 -20.96 10.42
CA ARG A 260 -3.32 -20.41 11.68
C ARG A 260 -3.57 -18.90 11.60
N ARG A 261 -3.10 -18.25 10.51
CA ARG A 261 -3.30 -16.81 10.32
C ARG A 261 -4.76 -16.53 9.92
N PRO A 262 -5.38 -15.42 10.37
CA PRO A 262 -6.74 -15.12 9.89
C PRO A 262 -6.69 -14.79 8.40
N ARG A 263 -7.84 -14.90 7.72
CA ARG A 263 -7.97 -14.52 6.31
C ARG A 263 -8.26 -13.01 6.29
N PHE A 264 -8.07 -12.33 5.13
CA PHE A 264 -8.32 -10.90 5.01
C PHE A 264 -9.76 -10.51 5.36
N THR A 265 -10.71 -11.41 5.05
CA THR A 265 -12.13 -11.21 5.37
C THR A 265 -12.34 -11.18 6.89
N GLU A 266 -11.61 -12.01 7.65
CA GLU A 266 -11.67 -12.06 9.11
C GLU A 266 -11.02 -10.80 9.68
N LEU A 267 -9.90 -10.35 9.08
CA LEU A 267 -9.21 -9.11 9.45
C LEU A 267 -10.15 -7.93 9.29
N LYS A 268 -10.87 -7.88 8.17
CA LYS A 268 -11.83 -6.83 7.86
C LYS A 268 -12.92 -6.75 8.94
N ALA A 269 -13.54 -7.90 9.29
CA ALA A 269 -14.61 -7.96 10.29
C ALA A 269 -14.13 -7.53 11.66
N GLN A 270 -12.89 -7.95 12.04
CA GLN A 270 -12.31 -7.61 13.34
C GLN A 270 -11.90 -6.17 13.43
N LEU A 271 -11.33 -5.63 12.35
CA LEU A 271 -10.94 -4.21 12.32
C LEU A 271 -12.16 -3.30 12.37
N SER A 272 -13.27 -3.73 11.75
CA SER A 272 -14.52 -2.96 11.80
C SER A 272 -14.97 -2.81 13.28
N THR A 273 -14.96 -3.90 14.06
CA THR A 273 -15.35 -3.87 15.48
C THR A 273 -14.39 -3.02 16.32
N ILE A 274 -13.07 -3.11 16.06
CA ILE A 274 -12.06 -2.32 16.81
C ILE A 274 -12.24 -0.83 16.46
N LEU A 275 -12.54 -0.55 15.18
CA LEU A 275 -12.80 0.83 14.75
C LEU A 275 -14.03 1.41 15.46
N GLU A 276 -15.15 0.66 15.49
CA GLU A 276 -16.39 1.11 16.14
C GLU A 276 -16.20 1.33 17.63
N GLU A 277 -15.51 0.39 18.31
CA GLU A 277 -15.21 0.49 19.74
C GLU A 277 -14.38 1.76 19.98
N GLU A 278 -13.34 2.00 19.14
CA GLU A 278 -12.54 3.23 19.26
C GLU A 278 -13.36 4.50 18.95
N LYS A 279 -14.25 4.46 17.94
CA LYS A 279 -15.08 5.63 17.61
C LYS A 279 -16.06 5.98 18.76
N ALA A 280 -16.49 4.97 19.53
CA ALA A 280 -17.41 5.15 20.65
C ALA A 280 -16.76 5.72 21.92
N GLN A 281 -15.40 5.64 22.02
CA GLN A 281 -14.50 6.13 23.11
C GLN A 281 -14.15 5.03 24.11
C9 30G B . 4.55 8.74 -5.53
C13 30G B . 4.57 9.63 -4.48
C4 30G B . 3.37 8.48 -6.21
C8 30G B . 3.41 10.25 -4.09
C1 30G B . 2.19 9.11 -5.84
C3 30G B . 2.24 9.99 -4.77
C5 30G B . 0.00 9.78 -6.27
C12 30G B . -0.58 7.66 -7.92
C10 30G B . 0.21 10.91 -5.37
C6 30G B . 0.84 7.83 -7.47
N14 30G B . -1.49 8.58 -7.47
N2 30G B . 0.98 8.90 -6.48
N11 30G B . -1.18 9.61 -6.66
O15 30G B . -0.91 6.75 -8.67
O7 30G B . 1.12 10.65 -4.30
H1 30G B . 5.46 8.25 -5.85
H2 30G B . 5.49 9.82 -3.95
H3 30G B . 3.40 7.79 -7.05
H4 30G B . 3.41 10.94 -3.26
H6 30G B . -0.74 11.17 -4.94
H5 30G B . 0.58 11.77 -5.92
H7 30G B . 1.19 6.89 -7.04
H8 30G B . 1.46 8.08 -8.34
H9 30G B . -2.43 8.59 -7.86
#